data_7E12
#
_entry.id   7E12
#
_cell.length_a   49.558
_cell.length_b   69.372
_cell.length_c   56.237
_cell.angle_alpha   90.000
_cell.angle_beta   101.970
_cell.angle_gamma   90.000
#
_symmetry.space_group_name_H-M   'P 1 21 1'
#
loop_
_entity.id
_entity.type
_entity.pdbx_description
1 polymer THR-ARG-SER-GLU-ILE-ARG-ARG-ALA-SER-THR-ILE-GLU
2 polymer 'cAMP-dependent protein kinase catalytic subunit alpha'
3 non-polymer 'PHOSPHOAMINOPHOSPHONIC ACID-ADENYLATE ESTER'
4 non-polymer 'MAGNESIUM ION'
5 water water
#
loop_
_entity_poly.entity_id
_entity_poly.type
_entity_poly.pdbx_seq_one_letter_code
_entity_poly.pdbx_strand_id
1 'polypeptide(L)' TRSEIRRASTIE B
2 'polypeptide(L)'
;SNAMGNAAAAKKGSEQESVKEFLAKAKEDFLKKWETPSQNTAQLDQFDRIKTLGTGSFGRVMLVKHKESGNHYAMKILDK
QKVVKLKQIEHTLNEKRILQAVNFPFLVKLEFSFKDNSNLYMVMEYVAGGEMFSHLRRIGRFSEPHARFYAAQIVLTFEY
LHSLDLIYRDLKPENLLIDQQGYIQVTDFGFAKRVKGRTW(TPO)LCGTPEYLAPEIILSKGYNKAVDWWALGVLIYEMA
AGYPPFFADQPIQIYEKIVSGKVRFPSHFSSDLKDLLRNLLQVDLTKRFGNLKNGVNDIKNHKWFATTDWIAIYQRKVEA
PFIPKFKGPGDTSNFDDYEEEEIRV(SEP)INEKCGKEFTEFIGSG
;
A
#
loop_
_chem_comp.id
_chem_comp.type
_chem_comp.name
_chem_comp.formula
ANP non-polymer 'PHOSPHOAMINOPHOSPHONIC ACID-ADENYLATE ESTER' 'C10 H17 N6 O12 P3'
MG non-polymer 'MAGNESIUM ION' 'Mg 2'
#
# COMPACT_ATOMS: atom_id res chain seq x y z
N GLU A 4 16.48 -5.20 -4.50
CA GLU A 4 17.28 -4.78 -5.65
C GLU A 4 16.39 -4.13 -6.73
N ILE A 5 15.32 -4.82 -7.09
CA ILE A 5 14.39 -4.37 -8.12
C ILE A 5 13.00 -4.32 -7.51
N ARG A 6 12.23 -3.30 -7.89
CA ARG A 6 10.88 -3.11 -7.38
C ARG A 6 10.01 -4.34 -7.66
N ARG A 7 9.66 -5.07 -6.60
CA ARG A 7 8.88 -6.30 -6.76
C ARG A 7 7.46 -5.97 -7.19
N ALA A 8 7.05 -6.49 -8.34
CA ALA A 8 5.71 -6.24 -8.85
C ALA A 8 4.72 -7.22 -8.22
N SER A 9 3.51 -6.73 -7.97
CA SER A 9 2.48 -7.56 -7.37
C SER A 9 2.03 -8.65 -8.35
N THR A 10 1.56 -9.76 -7.80
CA THR A 10 1.11 -10.90 -8.59
C THR A 10 -0.41 -11.05 -8.48
N ILE A 11 -0.99 -11.67 -9.50
CA ILE A 11 -2.43 -11.83 -9.60
C ILE A 11 -2.77 -13.29 -9.91
N GLU A 12 -1.75 -14.10 -10.18
CA GLU A 12 -1.94 -15.52 -10.46
C GLU A 12 -0.66 -16.32 -10.23
N PHE B 22 -12.11 8.91 17.59
CA PHE B 22 -12.17 9.17 16.16
C PHE B 22 -12.71 7.96 15.40
N LEU B 23 -12.29 6.77 15.82
CA LEU B 23 -12.78 5.55 15.20
C LEU B 23 -14.30 5.42 15.32
N ALA B 24 -14.90 6.08 16.31
CA ALA B 24 -16.36 6.02 16.45
C ALA B 24 -17.05 6.76 15.31
N LYS B 25 -16.52 7.92 14.91
CA LYS B 25 -17.11 8.73 13.85
C LYS B 25 -16.61 8.34 12.46
N ALA B 26 -15.51 7.59 12.36
CA ALA B 26 -14.96 7.22 11.07
C ALA B 26 -15.82 6.21 10.32
N LYS B 27 -16.61 5.40 11.03
CA LYS B 27 -17.39 4.37 10.36
C LYS B 27 -18.53 4.98 9.55
N GLU B 28 -19.21 6.00 10.08
CA GLU B 28 -20.32 6.59 9.35
C GLU B 28 -19.84 7.34 8.11
N ASP B 29 -18.69 8.02 8.22
CA ASP B 29 -18.18 8.78 7.09
C ASP B 29 -17.73 7.87 5.96
N PHE B 30 -17.22 6.69 6.28
CA PHE B 30 -16.83 5.76 5.23
C PHE B 30 -18.04 5.28 4.45
N LEU B 31 -19.11 4.90 5.15
CA LEU B 31 -20.31 4.41 4.48
C LEU B 31 -21.02 5.51 3.72
N LYS B 32 -20.90 6.76 4.16
CA LYS B 32 -21.47 7.88 3.43
C LYS B 32 -20.79 8.05 2.07
N LYS B 33 -19.46 7.98 2.04
CA LYS B 33 -18.72 8.11 0.79
C LYS B 33 -18.77 6.84 -0.04
N TRP B 34 -19.08 5.69 0.56
CA TRP B 34 -19.09 4.45 -0.19
C TRP B 34 -20.32 4.33 -1.09
N GLU B 35 -21.50 4.74 -0.61
CA GLU B 35 -22.71 4.60 -1.41
C GLU B 35 -22.94 5.75 -2.37
N THR B 36 -22.42 6.94 -2.08
CA THR B 36 -22.51 8.09 -2.97
C THR B 36 -21.10 8.49 -3.39
N PRO B 37 -20.44 7.68 -4.20
CA PRO B 37 -19.07 8.01 -4.62
C PRO B 37 -19.08 9.16 -5.62
N SER B 38 -17.91 9.78 -5.75
CA SER B 38 -17.70 10.80 -6.78
C SER B 38 -17.14 10.14 -8.03
N GLN B 39 -17.63 10.57 -9.19
CA GLN B 39 -17.16 10.05 -10.47
C GLN B 39 -17.12 11.18 -11.49
N ASN B 40 -16.15 11.10 -12.39
CA ASN B 40 -15.97 12.07 -13.47
C ASN B 40 -15.92 13.50 -12.93
N THR B 41 -14.80 13.79 -12.26
CA THR B 41 -14.58 15.08 -11.63
C THR B 41 -13.61 15.97 -12.38
N ALA B 42 -12.97 15.46 -13.43
CA ALA B 42 -12.02 16.24 -14.23
C ALA B 42 -11.85 15.53 -15.57
N GLN B 43 -10.94 16.04 -16.40
CA GLN B 43 -10.67 15.43 -17.69
C GLN B 43 -9.19 15.56 -18.00
N LEU B 44 -8.74 14.78 -18.99
CA LEU B 44 -7.32 14.72 -19.33
C LEU B 44 -6.78 16.05 -19.85
N ASP B 45 -7.66 16.88 -20.44
CA ASP B 45 -7.21 18.13 -21.05
C ASP B 45 -6.76 19.16 -20.01
N GLN B 46 -7.11 18.98 -18.74
CA GLN B 46 -6.78 19.93 -17.69
C GLN B 46 -5.44 19.66 -17.03
N PHE B 47 -4.68 18.68 -17.51
CA PHE B 47 -3.50 18.21 -16.81
C PHE B 47 -2.31 18.17 -17.76
N ASP B 48 -1.25 18.85 -17.39
CA ASP B 48 0.03 18.72 -18.08
C ASP B 48 0.81 17.56 -17.48
N ARG B 49 1.55 16.84 -18.33
CA ARG B 49 2.22 15.62 -17.92
C ARG B 49 3.73 15.84 -17.94
N ILE B 50 4.37 15.65 -16.79
CA ILE B 50 5.75 16.07 -16.61
C ILE B 50 6.69 14.87 -16.61
N LYS B 51 6.45 13.89 -15.75
CA LYS B 51 7.38 12.78 -15.59
C LYS B 51 6.64 11.57 -15.03
N THR B 52 7.12 10.38 -15.40
CA THR B 52 6.57 9.14 -14.89
C THR B 52 7.15 8.85 -13.51
N LEU B 53 6.28 8.50 -12.56
CA LEU B 53 6.70 8.18 -11.19
C LEU B 53 6.88 6.69 -10.97
N GLY B 54 6.19 5.85 -11.73
CA GLY B 54 6.26 4.41 -11.55
C GLY B 54 5.43 3.64 -12.56
N THR B 55 5.87 2.44 -12.93
CA THR B 55 5.20 1.63 -13.93
C THR B 55 4.73 0.33 -13.30
N GLY B 56 3.45 0.01 -13.48
CA GLY B 56 2.88 -1.23 -13.03
C GLY B 56 2.66 -2.21 -14.16
N SER B 57 1.70 -3.11 -13.96
CA SER B 57 1.37 -4.10 -14.96
C SER B 57 0.18 -3.72 -15.84
N PHE B 58 -0.71 -2.85 -15.36
CA PHE B 58 -1.87 -2.42 -16.12
C PHE B 58 -1.79 -0.96 -16.55
N GLY B 59 -0.70 -0.28 -16.24
CA GLY B 59 -0.56 1.11 -16.63
C GLY B 59 0.65 1.78 -15.99
N ARG B 60 0.50 3.06 -15.63
CA ARG B 60 1.61 3.81 -15.09
C ARG B 60 1.07 4.93 -14.22
N VAL B 61 1.95 5.48 -13.38
CA VAL B 61 1.67 6.65 -12.57
C VAL B 61 2.68 7.72 -12.95
N MET B 62 2.19 8.92 -13.25
CA MET B 62 3.07 10.02 -13.67
C MET B 62 2.74 11.28 -12.90
N LEU B 63 3.78 12.08 -12.64
CA LEU B 63 3.58 13.39 -12.06
C LEU B 63 2.80 14.26 -13.03
N VAL B 64 1.87 15.04 -12.49
CA VAL B 64 0.91 15.77 -13.31
C VAL B 64 0.67 17.14 -12.68
N LYS B 65 0.61 18.17 -13.52
CA LYS B 65 0.41 19.54 -13.08
C LYS B 65 -0.92 20.06 -13.60
N HIS B 66 -1.76 20.54 -12.70
CA HIS B 66 -3.04 21.13 -13.10
C HIS B 66 -2.81 22.49 -13.74
N LYS B 67 -3.34 22.67 -14.96
CA LYS B 67 -3.00 23.85 -15.74
C LYS B 67 -3.61 25.12 -15.16
N GLU B 68 -4.85 25.05 -14.68
CA GLU B 68 -5.52 26.25 -14.17
C GLU B 68 -5.02 26.67 -12.80
N SER B 69 -4.61 25.72 -11.96
CA SER B 69 -4.24 26.01 -10.58
C SER B 69 -2.75 25.82 -10.28
N GLY B 70 -1.99 25.20 -11.19
CA GLY B 70 -0.59 25.00 -10.95
C GLY B 70 -0.25 23.91 -9.95
N ASN B 71 -1.24 23.31 -9.30
CA ASN B 71 -0.98 22.26 -8.32
C ASN B 71 -0.50 20.99 -9.01
N HIS B 72 0.36 20.26 -8.32
CA HIS B 72 0.91 19.01 -8.82
C HIS B 72 0.16 17.82 -8.24
N TYR B 73 0.06 16.76 -9.03
CA TYR B 73 -0.66 15.57 -8.62
C TYR B 73 0.00 14.34 -9.25
N ALA B 74 -0.43 13.17 -8.80
CA ALA B 74 0.06 11.90 -9.30
C ALA B 74 -1.10 11.15 -9.94
N MET B 75 -1.00 10.88 -11.24
CA MET B 75 -2.10 10.32 -12.02
C MET B 75 -1.81 8.85 -12.31
N LYS B 76 -2.65 7.97 -11.77
CA LYS B 76 -2.54 6.53 -12.00
C LYS B 76 -3.42 6.14 -13.19
N ILE B 77 -2.79 5.68 -14.27
CA ILE B 77 -3.50 5.35 -15.51
C ILE B 77 -3.57 3.84 -15.66
N LEU B 78 -4.74 3.34 -16.08
CA LEU B 78 -4.98 1.91 -16.24
C LEU B 78 -5.67 1.65 -17.56
N ASP B 79 -5.11 0.74 -18.36
CA ASP B 79 -5.74 0.38 -19.63
C ASP B 79 -6.99 -0.47 -19.39
N LYS B 80 -8.11 -0.06 -19.99
CA LYS B 80 -9.37 -0.72 -19.74
C LYS B 80 -9.41 -2.13 -20.33
N GLN B 81 -8.83 -2.32 -21.51
CA GLN B 81 -8.87 -3.63 -22.15
C GLN B 81 -8.12 -4.68 -21.34
N LYS B 82 -6.90 -4.34 -20.91
CA LYS B 82 -6.12 -5.30 -20.12
C LYS B 82 -6.82 -5.64 -18.81
N VAL B 83 -7.53 -4.68 -18.22
CA VAL B 83 -8.24 -4.94 -16.97
C VAL B 83 -9.38 -5.93 -17.20
N VAL B 84 -10.15 -5.72 -18.27
CA VAL B 84 -11.22 -6.66 -18.61
C VAL B 84 -10.64 -8.02 -18.99
N LYS B 85 -9.56 -8.01 -19.78
CA LYS B 85 -8.98 -9.26 -20.25
C LYS B 85 -8.42 -10.10 -19.11
N LEU B 86 -7.76 -9.46 -18.14
CA LEU B 86 -7.11 -10.18 -17.05
C LEU B 86 -8.00 -10.31 -15.82
N LYS B 87 -9.33 -10.19 -15.98
CA LYS B 87 -10.29 -10.46 -14.92
C LYS B 87 -10.09 -9.53 -13.72
N GLN B 88 -9.80 -8.26 -13.98
CA GLN B 88 -9.45 -7.31 -12.94
C GLN B 88 -10.50 -6.23 -12.74
N ILE B 89 -11.72 -6.44 -13.23
CA ILE B 89 -12.73 -5.38 -13.20
C ILE B 89 -13.12 -5.06 -11.77
N GLU B 90 -13.54 -6.07 -11.00
CA GLU B 90 -13.99 -5.81 -9.64
C GLU B 90 -12.85 -5.31 -8.75
N HIS B 91 -11.61 -5.70 -9.05
CA HIS B 91 -10.48 -5.20 -8.28
C HIS B 91 -10.28 -3.70 -8.48
N THR B 92 -10.36 -3.24 -9.73
CA THR B 92 -10.18 -1.82 -10.00
C THR B 92 -11.37 -1.00 -9.53
N LEU B 93 -12.58 -1.56 -9.65
CA LEU B 93 -13.76 -0.88 -9.13
C LEU B 93 -13.64 -0.64 -7.62
N ASN B 94 -13.15 -1.65 -6.89
CA ASN B 94 -12.96 -1.48 -5.45
C ASN B 94 -11.83 -0.51 -5.14
N GLU B 95 -10.79 -0.45 -5.97
CA GLU B 95 -9.69 0.46 -5.73
C GLU B 95 -10.17 1.90 -5.72
N LYS B 96 -10.90 2.31 -6.77
CA LYS B 96 -11.37 3.68 -6.85
C LYS B 96 -12.38 3.98 -5.74
N ARG B 97 -13.30 3.05 -5.47
CA ARG B 97 -14.38 3.34 -4.53
C ARG B 97 -13.87 3.36 -3.10
N ILE B 98 -12.99 2.43 -2.73
CA ILE B 98 -12.52 2.36 -1.35
C ILE B 98 -11.63 3.56 -1.02
N LEU B 99 -10.65 3.83 -1.88
CA LEU B 99 -9.73 4.94 -1.63
C LEU B 99 -10.47 6.26 -1.57
N GLN B 100 -11.51 6.42 -2.40
CA GLN B 100 -12.33 7.62 -2.34
C GLN B 100 -13.10 7.73 -1.02
N ALA B 101 -13.33 6.60 -0.34
CA ALA B 101 -14.18 6.57 0.84
C ALA B 101 -13.41 6.50 2.15
N VAL B 102 -12.09 6.36 2.13
CA VAL B 102 -11.31 6.25 3.36
C VAL B 102 -10.72 7.62 3.68
N ASN B 103 -10.43 7.83 4.96
CA ASN B 103 -9.86 9.10 5.43
C ASN B 103 -9.04 8.80 6.68
N PHE B 104 -7.71 8.88 6.56
CA PHE B 104 -6.80 8.61 7.66
C PHE B 104 -5.51 9.35 7.40
N PRO B 105 -4.82 9.84 8.44
CA PRO B 105 -3.64 10.68 8.21
C PRO B 105 -2.46 9.97 7.58
N PHE B 106 -2.59 8.68 7.29
CA PHE B 106 -1.51 7.93 6.66
C PHE B 106 -1.92 7.33 5.31
N LEU B 107 -3.13 7.59 4.85
CA LEU B 107 -3.58 7.11 3.55
C LEU B 107 -3.53 8.23 2.53
N VAL B 108 -3.10 7.91 1.31
CA VAL B 108 -3.08 8.89 0.25
C VAL B 108 -4.51 9.27 -0.11
N LYS B 109 -4.71 10.54 -0.46
CA LYS B 109 -6.03 11.09 -0.70
C LYS B 109 -6.29 11.17 -2.20
N LEU B 110 -7.45 10.66 -2.62
CA LEU B 110 -7.88 10.77 -4.01
C LEU B 110 -8.53 12.12 -4.25
N GLU B 111 -8.12 12.79 -5.32
CA GLU B 111 -8.62 14.13 -5.64
C GLU B 111 -9.52 14.16 -6.88
N PHE B 112 -9.16 13.44 -7.94
CA PHE B 112 -9.95 13.41 -9.16
C PHE B 112 -9.96 11.99 -9.72
N SER B 113 -10.97 11.71 -10.55
CA SER B 113 -11.09 10.44 -11.23
C SER B 113 -11.98 10.59 -12.44
N PHE B 114 -11.60 9.96 -13.54
CA PHE B 114 -12.38 10.02 -14.77
C PHE B 114 -11.93 8.87 -15.67
N LYS B 115 -12.28 8.96 -16.95
CA LYS B 115 -11.99 7.90 -17.90
C LYS B 115 -12.24 8.43 -19.31
N ASP B 116 -11.58 7.80 -20.29
CA ASP B 116 -11.85 8.09 -21.70
C ASP B 116 -12.03 6.79 -22.48
N ASN B 117 -11.71 6.82 -23.77
CA ASN B 117 -12.00 5.66 -24.62
C ASN B 117 -11.18 4.43 -24.22
N SER B 118 -9.95 4.63 -23.73
CA SER B 118 -9.04 3.53 -23.49
C SER B 118 -8.60 3.38 -22.03
N ASN B 119 -8.55 4.46 -21.26
CA ASN B 119 -7.89 4.44 -19.96
C ASN B 119 -8.84 4.84 -18.84
N LEU B 120 -8.50 4.40 -17.63
CA LEU B 120 -9.06 4.91 -16.39
C LEU B 120 -8.01 5.79 -15.69
N TYR B 121 -8.48 6.83 -15.02
CA TYR B 121 -7.58 7.80 -14.41
C TYR B 121 -7.92 8.00 -12.94
N MET B 122 -6.91 7.94 -12.09
CA MET B 122 -7.05 8.23 -10.67
C MET B 122 -5.98 9.25 -10.30
N VAL B 123 -6.42 10.43 -9.88
CA VAL B 123 -5.51 11.54 -9.58
C VAL B 123 -5.41 11.66 -8.06
N MET B 124 -4.24 11.32 -7.52
CA MET B 124 -3.99 11.38 -6.09
C MET B 124 -3.11 12.58 -5.75
N GLU B 125 -2.97 12.83 -4.45
CA GLU B 125 -2.05 13.86 -3.98
C GLU B 125 -0.61 13.40 -4.18
N TYR B 126 0.22 14.27 -4.73
CA TYR B 126 1.60 13.91 -5.01
C TYR B 126 2.42 13.86 -3.73
N VAL B 127 3.18 12.79 -3.56
CA VAL B 127 4.06 12.60 -2.41
C VAL B 127 5.48 12.65 -2.92
N ALA B 128 6.13 13.81 -2.78
CA ALA B 128 7.43 14.06 -3.38
C ALA B 128 8.58 13.34 -2.68
N GLY B 129 8.32 12.70 -1.54
CA GLY B 129 9.41 12.08 -0.80
C GLY B 129 9.91 10.77 -1.36
N GLY B 130 9.12 10.12 -2.23
CA GLY B 130 9.52 8.88 -2.85
C GLY B 130 9.14 7.65 -2.04
N GLU B 131 9.36 6.49 -2.64
CA GLU B 131 9.06 5.22 -2.01
C GLU B 131 9.98 4.97 -0.81
N MET B 132 9.47 4.21 0.16
CA MET B 132 10.33 3.70 1.22
C MET B 132 11.30 2.65 0.69
N PHE B 133 10.96 2.00 -0.43
CA PHE B 133 11.87 1.03 -1.03
C PHE B 133 13.14 1.68 -1.53
N SER B 134 13.03 2.87 -2.13
CA SER B 134 14.22 3.58 -2.61
C SER B 134 15.15 3.93 -1.46
N HIS B 135 14.61 4.57 -0.41
CA HIS B 135 15.44 4.95 0.73
C HIS B 135 15.96 3.73 1.48
N LEU B 136 15.17 2.66 1.53
CA LEU B 136 15.63 1.44 2.20
C LEU B 136 16.83 0.84 1.47
N ARG B 137 16.82 0.89 0.14
CA ARG B 137 17.91 0.27 -0.61
C ARG B 137 19.15 1.15 -0.63
N ARG B 138 18.97 2.47 -0.67
CA ARG B 138 20.11 3.38 -0.71
C ARG B 138 20.77 3.55 0.64
N ILE B 139 20.07 3.23 1.73
CA ILE B 139 20.66 3.27 3.07
C ILE B 139 21.05 1.88 3.55
N GLY B 140 20.45 0.82 3.01
CA GLY B 140 20.74 -0.52 3.45
C GLY B 140 19.65 -1.04 4.38
N ARG B 141 19.55 -0.44 5.56
CA ARG B 141 18.53 -0.82 6.53
C ARG B 141 18.26 0.35 7.45
N PHE B 142 17.12 0.29 8.13
CA PHE B 142 16.75 1.27 9.14
C PHE B 142 17.12 0.74 10.52
N SER B 143 17.54 1.63 11.41
CA SER B 143 17.73 1.24 12.80
C SER B 143 16.38 0.84 13.40
N GLU B 144 16.43 0.14 14.53
CA GLU B 144 15.20 -0.34 15.16
C GLU B 144 14.25 0.81 15.52
N PRO B 145 14.69 1.90 16.18
CA PRO B 145 13.74 3.00 16.42
C PRO B 145 13.20 3.63 15.15
N HIS B 146 14.03 3.72 14.11
CA HIS B 146 13.57 4.23 12.82
C HIS B 146 12.54 3.29 12.20
N ALA B 147 12.78 1.98 12.26
CA ALA B 147 11.81 1.03 11.73
C ALA B 147 10.57 0.95 12.61
N ARG B 148 10.72 1.18 13.91
CA ARG B 148 9.56 1.19 14.79
C ARG B 148 8.67 2.39 14.52
N PHE B 149 9.26 3.53 14.16
CA PHE B 149 8.48 4.73 13.88
C PHE B 149 7.56 4.54 12.68
N TYR B 150 7.99 3.76 11.69
CA TYR B 150 7.15 3.51 10.52
C TYR B 150 6.12 2.42 10.81
N ALA B 151 6.51 1.39 11.56
CA ALA B 151 5.56 0.31 11.85
C ALA B 151 4.39 0.81 12.69
N ALA B 152 4.63 1.82 13.53
CA ALA B 152 3.54 2.38 14.34
C ALA B 152 2.47 2.99 13.45
N GLN B 153 2.87 3.65 12.37
CA GLN B 153 1.91 4.21 11.43
C GLN B 153 1.15 3.12 10.70
N ILE B 154 1.83 2.04 10.32
CA ILE B 154 1.15 0.93 9.65
C ILE B 154 0.16 0.27 10.60
N VAL B 155 0.54 0.09 11.86
CA VAL B 155 -0.35 -0.54 12.82
C VAL B 155 -1.61 0.31 13.01
N LEU B 156 -1.44 1.62 13.08
CA LEU B 156 -2.60 2.50 13.26
C LEU B 156 -3.50 2.47 12.02
N THR B 157 -2.90 2.42 10.83
CA THR B 157 -3.69 2.40 9.61
C THR B 157 -4.44 1.07 9.47
N PHE B 158 -3.78 -0.03 9.82
CA PHE B 158 -4.45 -1.33 9.76
C PHE B 158 -5.57 -1.44 10.78
N GLU B 159 -5.42 -0.81 11.95
CA GLU B 159 -6.50 -0.77 12.92
C GLU B 159 -7.70 0.02 12.38
N TYR B 160 -7.42 1.08 11.63
CA TYR B 160 -8.49 1.87 11.03
C TYR B 160 -9.20 1.09 9.92
N LEU B 161 -8.43 0.53 8.99
CA LEU B 161 -9.02 -0.17 7.86
C LEU B 161 -9.81 -1.40 8.30
N HIS B 162 -9.36 -2.08 9.34
CA HIS B 162 -10.07 -3.24 9.83
C HIS B 162 -11.35 -2.87 10.59
N SER B 163 -11.40 -1.66 11.16
CA SER B 163 -12.63 -1.18 11.78
C SER B 163 -13.75 -1.09 10.77
N LEU B 164 -13.44 -0.74 9.53
CA LEU B 164 -14.41 -0.67 8.46
C LEU B 164 -14.57 -1.99 7.71
N ASP B 165 -14.02 -3.08 8.26
CA ASP B 165 -14.08 -4.40 7.63
C ASP B 165 -13.46 -4.38 6.24
N LEU B 166 -12.36 -3.65 6.09
CA LEU B 166 -11.62 -3.58 4.85
C LEU B 166 -10.33 -4.38 4.95
N ILE B 167 -9.89 -4.91 3.83
CA ILE B 167 -8.64 -5.65 3.74
C ILE B 167 -7.69 -4.88 2.84
N TYR B 168 -6.41 -4.94 3.16
CA TYR B 168 -5.35 -4.32 2.34
C TYR B 168 -4.33 -5.41 2.06
N ARG B 169 -4.34 -5.94 0.85
CA ARG B 169 -3.58 -7.15 0.53
C ARG B 169 -2.34 -6.84 -0.32
N ASP B 170 -1.67 -5.73 -0.03
CA ASP B 170 -0.45 -5.41 -0.77
C ASP B 170 0.43 -4.44 0.03
N LEU B 171 0.83 -4.86 1.22
CA LEU B 171 1.78 -4.10 2.03
C LEU B 171 3.20 -4.43 1.60
N LYS B 172 3.92 -3.43 1.10
CA LYS B 172 5.30 -3.58 0.69
C LYS B 172 5.91 -2.20 0.57
N PRO B 173 7.23 -2.05 0.73
CA PRO B 173 7.84 -0.72 0.70
C PRO B 173 7.65 0.03 -0.60
N GLU B 174 7.37 -0.67 -1.70
CA GLU B 174 7.10 0.00 -2.96
C GLU B 174 5.75 0.72 -2.95
N ASN B 175 4.85 0.36 -2.05
CA ASN B 175 3.56 1.03 -1.91
C ASN B 175 3.53 2.03 -0.77
N LEU B 176 4.64 2.24 -0.07
CA LEU B 176 4.70 3.17 1.05
C LEU B 176 5.55 4.37 0.65
N LEU B 177 4.96 5.56 0.69
CA LEU B 177 5.64 6.79 0.30
C LEU B 177 5.91 7.65 1.52
N ILE B 178 7.13 8.16 1.64
CA ILE B 178 7.47 9.12 2.68
C ILE B 178 7.09 10.50 2.20
N ASP B 179 6.50 11.31 3.08
CA ASP B 179 6.08 12.64 2.70
C ASP B 179 7.12 13.66 3.16
N GLN B 180 6.77 14.95 3.10
CA GLN B 180 7.70 16.00 3.48
C GLN B 180 7.88 16.10 4.99
N GLN B 181 6.90 15.65 5.77
CA GLN B 181 7.05 15.59 7.22
C GLN B 181 7.73 14.31 7.68
N GLY B 182 8.15 13.45 6.76
CA GLY B 182 8.78 12.19 7.10
C GLY B 182 7.83 11.06 7.44
N TYR B 183 6.52 11.28 7.32
CA TYR B 183 5.53 10.27 7.68
C TYR B 183 5.13 9.45 6.46
N ILE B 184 4.51 8.30 6.73
CA ILE B 184 4.14 7.35 5.69
C ILE B 184 2.83 7.77 5.04
N GLN B 185 2.76 7.63 3.72
CA GLN B 185 1.52 7.75 2.98
C GLN B 185 1.32 6.46 2.20
N VAL B 186 0.28 5.71 2.55
CA VAL B 186 0.00 4.44 1.89
C VAL B 186 -0.71 4.71 0.57
N THR B 187 -0.29 4.01 -0.49
CA THR B 187 -0.98 4.10 -1.77
C THR B 187 -1.25 2.71 -2.32
N ASP B 188 -1.66 2.64 -3.58
CA ASP B 188 -1.93 1.37 -4.26
C ASP B 188 -3.00 0.55 -3.55
N PHE B 189 -4.27 0.94 -3.71
CA PHE B 189 -5.41 0.19 -3.18
C PHE B 189 -5.96 -0.79 -4.19
N GLY B 190 -5.08 -1.44 -4.97
CA GLY B 190 -5.52 -2.29 -6.06
C GLY B 190 -6.13 -3.60 -5.62
N PHE B 191 -5.82 -4.07 -4.41
CA PHE B 191 -6.39 -5.30 -3.90
C PHE B 191 -7.27 -5.07 -2.68
N ALA B 192 -7.54 -3.81 -2.32
CA ALA B 192 -8.41 -3.52 -1.19
C ALA B 192 -9.82 -4.01 -1.48
N LYS B 193 -10.51 -4.45 -0.43
CA LYS B 193 -11.82 -5.06 -0.58
C LYS B 193 -12.54 -5.07 0.75
N ARG B 194 -13.85 -4.79 0.73
CA ARG B 194 -14.69 -5.06 1.88
C ARG B 194 -14.79 -6.56 2.09
N VAL B 195 -14.29 -7.04 3.22
CA VAL B 195 -14.20 -8.47 3.51
C VAL B 195 -14.95 -8.70 4.83
N LYS B 196 -16.27 -8.92 4.73
CA LYS B 196 -17.08 -9.32 5.88
C LYS B 196 -17.02 -10.85 5.98
N GLY B 197 -15.89 -11.34 6.49
CA GLY B 197 -15.62 -12.76 6.57
C GLY B 197 -14.30 -13.10 5.88
N ARG B 198 -14.29 -14.24 5.20
CA ARG B 198 -13.09 -14.74 4.54
C ARG B 198 -13.23 -14.59 3.02
N THR B 199 -12.13 -14.20 2.38
CA THR B 199 -12.06 -14.07 0.92
C THR B 199 -11.09 -15.12 0.37
N TRP B 200 -10.98 -15.17 -0.95
CA TRP B 200 -10.32 -16.32 -1.59
C TRP B 200 -9.33 -15.97 -2.69
N TPO B 201 -9.24 -14.70 -3.06
CA TPO B 201 -8.43 -14.31 -4.22
CB TPO B 201 -8.81 -12.92 -4.69
CG2 TPO B 201 -7.98 -12.50 -5.89
OG1 TPO B 201 -10.20 -12.90 -5.05
P TPO B 201 -10.92 -11.85 -4.08
O1P TPO B 201 -10.43 -12.12 -2.57
O2P TPO B 201 -12.50 -12.06 -4.19
O3P TPO B 201 -10.57 -10.47 -4.49
C TPO B 201 -6.92 -14.40 -3.97
O TPO B 201 -6.42 -13.85 -2.99
N LEU B 202 -6.23 -15.09 -4.86
CA LEU B 202 -4.77 -15.14 -4.85
C LEU B 202 -4.21 -13.82 -5.38
N CYS B 203 -3.67 -12.99 -4.50
CA CYS B 203 -3.14 -11.70 -4.94
C CYS B 203 -2.21 -11.15 -3.87
N GLY B 204 -1.34 -10.23 -4.29
CA GLY B 204 -0.35 -9.66 -3.41
C GLY B 204 1.02 -9.60 -4.06
N THR B 205 2.07 -9.52 -3.25
CA THR B 205 3.43 -9.55 -3.73
C THR B 205 4.14 -10.76 -3.13
N PRO B 206 4.79 -11.59 -3.96
CA PRO B 206 5.25 -12.91 -3.47
C PRO B 206 6.04 -12.88 -2.17
N GLU B 207 6.90 -11.88 -1.97
CA GLU B 207 7.68 -11.81 -0.74
C GLU B 207 6.78 -11.67 0.49
N TYR B 208 5.59 -11.09 0.33
CA TYR B 208 4.75 -10.72 1.46
C TYR B 208 3.48 -11.57 1.55
N LEU B 209 3.35 -12.61 0.73
CA LEU B 209 2.15 -13.43 0.80
C LEU B 209 2.13 -14.27 2.08
N ALA B 210 0.97 -14.31 2.72
CA ALA B 210 0.79 -15.17 3.88
C ALA B 210 0.57 -16.62 3.44
N PRO B 211 0.96 -17.59 4.27
CA PRO B 211 0.83 -19.00 3.85
C PRO B 211 -0.58 -19.41 3.48
N GLU B 212 -1.60 -18.86 4.14
CA GLU B 212 -2.97 -19.25 3.81
C GLU B 212 -3.38 -18.78 2.42
N ILE B 213 -2.75 -17.72 1.92
CA ILE B 213 -3.01 -17.29 0.54
C ILE B 213 -2.36 -18.25 -0.45
N ILE B 214 -1.16 -18.72 -0.13
CA ILE B 214 -0.41 -19.60 -1.03
C ILE B 214 -1.12 -20.94 -1.20
N LEU B 215 -1.79 -21.43 -0.15
CA LEU B 215 -2.39 -22.75 -0.16
C LEU B 215 -3.87 -22.74 -0.54
N SER B 216 -4.43 -21.58 -0.88
CA SER B 216 -5.84 -21.46 -1.26
C SER B 216 -6.75 -21.97 -0.15
N LYS B 217 -6.54 -21.47 1.06
CA LYS B 217 -7.24 -21.95 2.24
C LYS B 217 -8.39 -21.05 2.68
N GLY B 218 -8.42 -19.80 2.25
CA GLY B 218 -9.47 -18.89 2.67
C GLY B 218 -9.04 -18.07 3.88
N TYR B 219 -8.70 -16.82 3.66
CA TYR B 219 -8.05 -15.99 4.67
C TYR B 219 -8.91 -14.80 5.04
N ASN B 220 -8.57 -14.20 6.18
CA ASN B 220 -9.27 -13.03 6.69
C ASN B 220 -8.31 -11.85 6.82
N LYS B 221 -8.60 -10.94 7.76
CA LYS B 221 -7.75 -9.79 8.01
C LYS B 221 -6.38 -10.16 8.55
N ALA B 222 -6.15 -11.43 8.92
CA ALA B 222 -4.88 -11.82 9.50
C ALA B 222 -3.71 -11.73 8.52
N VAL B 223 -3.98 -11.66 7.22
CA VAL B 223 -2.88 -11.62 6.25
C VAL B 223 -2.17 -10.27 6.31
N ASP B 224 -2.87 -9.20 6.72
CA ASP B 224 -2.23 -7.90 6.82
C ASP B 224 -1.18 -7.89 7.91
N TRP B 225 -1.43 -8.60 9.01
CA TRP B 225 -0.46 -8.64 10.09
C TRP B 225 0.77 -9.47 9.71
N TRP B 226 0.57 -10.56 8.96
CA TRP B 226 1.71 -11.29 8.43
C TRP B 226 2.55 -10.40 7.54
N ALA B 227 1.91 -9.64 6.65
CA ALA B 227 2.65 -8.72 5.80
C ALA B 227 3.36 -7.65 6.61
N LEU B 228 2.80 -7.29 7.77
CA LEU B 228 3.48 -6.32 8.63
C LEU B 228 4.75 -6.92 9.22
N GLY B 229 4.74 -8.21 9.56
CA GLY B 229 5.94 -8.84 10.06
C GLY B 229 7.04 -8.94 9.02
N VAL B 230 6.66 -9.21 7.77
CA VAL B 230 7.64 -9.21 6.69
C VAL B 230 8.20 -7.81 6.48
N LEU B 231 7.39 -6.78 6.66
CA LEU B 231 7.86 -5.41 6.46
C LEU B 231 8.81 -4.98 7.56
N ILE B 232 8.47 -5.27 8.81
CA ILE B 232 9.35 -4.92 9.93
C ILE B 232 10.68 -5.68 9.80
N TYR B 233 10.63 -6.91 9.30
CA TYR B 233 11.85 -7.66 9.05
C TYR B 233 12.71 -6.98 8.00
N GLU B 234 12.12 -6.67 6.83
CA GLU B 234 12.89 -6.11 5.73
C GLU B 234 13.44 -4.72 6.06
N MET B 235 12.77 -3.98 6.95
CA MET B 235 13.26 -2.66 7.30
C MET B 235 14.43 -2.75 8.28
N ALA B 236 14.33 -3.63 9.27
CA ALA B 236 15.38 -3.72 10.29
C ALA B 236 16.58 -4.51 9.82
N ALA B 237 16.42 -5.37 8.81
CA ALA B 237 17.52 -6.16 8.28
C ALA B 237 18.02 -5.68 6.93
N GLY B 238 17.17 -5.10 6.11
CA GLY B 238 17.53 -4.69 4.77
C GLY B 238 17.10 -5.65 3.68
N TYR B 239 16.63 -6.84 4.04
CA TYR B 239 16.21 -7.84 3.08
C TYR B 239 15.03 -8.61 3.65
N PRO B 240 14.16 -9.16 2.81
CA PRO B 240 12.99 -9.90 3.32
C PRO B 240 13.41 -11.20 3.97
N PRO B 241 12.57 -11.77 4.84
CA PRO B 241 12.92 -13.06 5.46
C PRO B 241 12.87 -14.22 4.47
N PHE B 242 12.00 -14.17 3.47
CA PHE B 242 11.88 -15.23 2.47
C PHE B 242 12.06 -14.62 1.09
N PHE B 243 13.14 -15.01 0.41
CA PHE B 243 13.32 -14.60 -0.98
C PHE B 243 14.21 -15.61 -1.69
N ALA B 244 13.97 -15.75 -2.99
CA ALA B 244 14.70 -16.67 -3.83
C ALA B 244 14.55 -16.20 -5.28
N ASP B 245 15.19 -16.93 -6.19
CA ASP B 245 15.10 -16.59 -7.61
C ASP B 245 13.67 -16.75 -8.12
N GLN B 246 13.23 -18.00 -8.29
CA GLN B 246 11.86 -18.23 -8.76
C GLN B 246 10.88 -18.09 -7.59
N PRO B 247 9.70 -17.54 -7.83
CA PRO B 247 8.72 -17.38 -6.74
C PRO B 247 8.24 -18.69 -6.15
N ILE B 248 8.35 -19.81 -6.89
CA ILE B 248 7.93 -21.10 -6.35
C ILE B 248 8.75 -21.46 -5.12
N GLN B 249 10.03 -21.12 -5.11
CA GLN B 249 10.88 -21.42 -3.96
C GLN B 249 10.59 -20.49 -2.80
N ILE B 250 10.13 -19.27 -3.07
CA ILE B 250 9.74 -18.35 -1.98
C ILE B 250 8.53 -18.90 -1.25
N TYR B 251 7.56 -19.43 -2.00
CA TYR B 251 6.41 -20.08 -1.37
C TYR B 251 6.85 -21.24 -0.49
N GLU B 252 7.88 -21.97 -0.93
CA GLU B 252 8.38 -23.10 -0.14
C GLU B 252 8.92 -22.62 1.20
N LYS B 253 9.53 -21.44 1.24
CA LYS B 253 10.08 -20.93 2.48
C LYS B 253 9.02 -20.27 3.36
N ILE B 254 7.96 -19.73 2.76
CA ILE B 254 6.93 -19.05 3.53
C ILE B 254 6.10 -20.06 4.32
N VAL B 255 5.73 -21.19 3.69
CA VAL B 255 4.91 -22.18 4.36
C VAL B 255 5.71 -23.17 5.18
N SER B 256 7.04 -23.07 5.18
CA SER B 256 7.85 -24.07 5.90
C SER B 256 7.73 -23.92 7.41
N GLY B 257 7.47 -22.71 7.89
CA GLY B 257 7.34 -22.46 9.31
C GLY B 257 8.60 -21.96 10.00
N LYS B 258 9.76 -22.20 9.40
CA LYS B 258 11.02 -21.74 9.99
C LYS B 258 11.38 -20.38 9.43
N VAL B 259 11.80 -19.47 10.31
CA VAL B 259 12.30 -18.16 9.90
C VAL B 259 13.53 -17.85 10.74
N ARG B 260 14.65 -17.58 10.09
CA ARG B 260 15.90 -17.26 10.77
C ARG B 260 16.10 -15.75 10.81
N PHE B 261 16.61 -15.26 11.94
CA PHE B 261 16.76 -13.83 12.15
C PHE B 261 18.22 -13.41 12.09
N PRO B 262 18.51 -12.17 11.67
CA PRO B 262 19.87 -11.65 11.78
C PRO B 262 20.30 -11.58 13.25
N SER B 263 21.62 -11.65 13.45
CA SER B 263 22.14 -11.70 14.81
C SER B 263 22.02 -10.36 15.53
N HIS B 264 22.07 -9.25 14.79
CA HIS B 264 21.97 -7.93 15.40
C HIS B 264 20.54 -7.57 15.80
N PHE B 265 19.56 -8.42 15.52
CA PHE B 265 18.19 -8.14 15.91
C PHE B 265 18.02 -8.16 17.42
N SER B 266 17.02 -7.43 17.90
CA SER B 266 16.71 -7.40 19.32
C SER B 266 15.97 -8.66 19.74
N SER B 267 16.11 -9.01 21.03
CA SER B 267 15.25 -10.05 21.58
C SER B 267 13.79 -9.59 21.57
N ASP B 268 13.56 -8.31 21.85
CA ASP B 268 12.20 -7.78 21.81
C ASP B 268 11.62 -7.76 20.40
N LEU B 269 12.47 -7.54 19.39
CA LEU B 269 11.99 -7.55 18.00
C LEU B 269 11.80 -8.98 17.50
N LYS B 270 12.70 -9.89 17.88
CA LYS B 270 12.55 -11.29 17.48
C LYS B 270 11.27 -11.90 18.04
N ASP B 271 10.86 -11.48 19.24
CA ASP B 271 9.63 -12.01 19.82
C ASP B 271 8.42 -11.54 19.04
N LEU B 272 8.36 -10.24 18.72
CA LEU B 272 7.22 -9.72 17.99
C LEU B 272 7.10 -10.35 16.62
N LEU B 273 8.23 -10.49 15.91
CA LEU B 273 8.20 -11.10 14.59
C LEU B 273 7.84 -12.58 14.66
N ARG B 274 8.22 -13.26 15.74
CA ARG B 274 7.83 -14.67 15.88
C ARG B 274 6.33 -14.82 16.06
N ASN B 275 5.66 -13.78 16.57
CA ASN B 275 4.21 -13.78 16.71
C ASN B 275 3.50 -13.26 15.48
N LEU B 276 4.17 -12.43 14.68
CA LEU B 276 3.56 -11.94 13.45
C LEU B 276 3.78 -12.92 12.30
N LEU B 277 4.98 -13.49 12.22
CA LEU B 277 5.31 -14.48 11.20
C LEU B 277 4.92 -15.89 11.63
N GLN B 278 3.77 -16.02 12.30
CA GLN B 278 3.28 -17.31 12.76
C GLN B 278 2.41 -17.93 11.68
N VAL B 279 2.70 -19.19 11.35
CA VAL B 279 1.93 -19.88 10.31
C VAL B 279 0.53 -20.21 10.81
N ASP B 280 0.42 -20.72 12.04
CA ASP B 280 -0.86 -21.08 12.62
C ASP B 280 -1.61 -19.80 13.00
N LEU B 281 -2.60 -19.43 12.19
CA LEU B 281 -3.29 -18.16 12.42
C LEU B 281 -4.22 -18.18 13.63
N THR B 282 -4.30 -19.30 14.36
CA THR B 282 -4.95 -19.30 15.67
C THR B 282 -4.01 -18.82 16.77
N LYS B 283 -2.76 -18.50 16.44
CA LYS B 283 -1.81 -17.99 17.42
C LYS B 283 -1.01 -16.80 16.88
N ARG B 284 -1.49 -16.16 15.81
CA ARG B 284 -0.82 -15.02 15.20
C ARG B 284 -1.40 -13.72 15.77
N PHE B 285 -0.51 -12.76 16.07
CA PHE B 285 -0.95 -11.50 16.64
C PHE B 285 -1.81 -10.73 15.64
N GLY B 286 -2.77 -9.98 16.18
CA GLY B 286 -3.79 -9.33 15.40
C GLY B 286 -5.00 -10.20 15.11
N ASN B 287 -4.81 -11.51 15.08
CA ASN B 287 -5.89 -12.47 14.86
C ASN B 287 -6.38 -13.11 16.14
N LEU B 288 -5.84 -12.73 17.29
CA LEU B 288 -6.25 -13.31 18.55
C LEU B 288 -7.41 -12.52 19.14
N LYS B 289 -7.85 -12.94 20.34
CA LYS B 289 -9.03 -12.33 20.93
C LYS B 289 -8.80 -10.85 21.24
N ASN B 290 -7.59 -10.49 21.65
CA ASN B 290 -7.30 -9.11 22.04
C ASN B 290 -7.01 -8.20 20.87
N GLY B 291 -6.97 -8.73 19.64
CA GLY B 291 -6.87 -7.87 18.47
C GLY B 291 -5.57 -7.11 18.41
N VAL B 292 -5.68 -5.84 18.01
CA VAL B 292 -4.49 -5.01 17.79
C VAL B 292 -3.76 -4.68 19.08
N ASN B 293 -4.40 -4.89 20.24
CA ASN B 293 -3.75 -4.58 21.51
C ASN B 293 -2.57 -5.51 21.77
N ASP B 294 -2.65 -6.76 21.29
CA ASP B 294 -1.52 -7.66 21.43
C ASP B 294 -0.28 -7.12 20.73
N ILE B 295 -0.46 -6.28 19.71
CA ILE B 295 0.66 -5.72 18.97
C ILE B 295 1.11 -4.40 19.58
N LYS B 296 0.16 -3.49 19.82
CA LYS B 296 0.50 -2.18 20.36
C LYS B 296 1.08 -2.29 21.78
N ASN B 297 0.71 -3.31 22.53
CA ASN B 297 1.19 -3.47 23.90
C ASN B 297 2.36 -4.44 24.00
N HIS B 298 2.94 -4.84 22.87
CA HIS B 298 4.14 -5.66 22.89
C HIS B 298 5.31 -4.86 23.46
N LYS B 299 6.29 -5.58 24.01
CA LYS B 299 7.43 -4.92 24.64
C LYS B 299 8.20 -4.08 23.63
N TRP B 300 8.21 -4.48 22.36
CA TRP B 300 8.96 -3.74 21.36
C TRP B 300 8.40 -2.34 21.12
N PHE B 301 7.11 -2.14 21.40
CA PHE B 301 6.44 -0.85 21.21
C PHE B 301 6.27 -0.10 22.53
N ALA B 302 7.07 -0.43 23.55
CA ALA B 302 6.90 0.20 24.85
C ALA B 302 7.21 1.69 24.80
N THR B 303 8.07 2.12 23.89
CA THR B 303 8.52 3.50 23.78
C THR B 303 7.74 4.28 22.72
N THR B 304 6.53 3.86 22.41
CA THR B 304 5.75 4.44 21.30
C THR B 304 4.53 5.15 21.86
N ASP B 305 4.46 6.47 21.62
CA ASP B 305 3.27 7.25 21.94
C ASP B 305 2.31 7.15 20.75
N TRP B 306 1.32 6.25 20.86
CA TRP B 306 0.42 5.99 19.75
C TRP B 306 -0.43 7.23 19.42
N ILE B 307 -0.86 7.98 20.44
CA ILE B 307 -1.66 9.18 20.17
C ILE B 307 -0.81 10.21 19.46
N ALA B 308 0.45 10.38 19.88
CA ALA B 308 1.32 11.36 19.23
C ALA B 308 1.63 10.98 17.80
N ILE B 309 1.72 9.68 17.51
CA ILE B 309 1.93 9.24 16.13
C ILE B 309 0.70 9.51 15.28
N TYR B 310 -0.49 9.20 15.81
CA TYR B 310 -1.71 9.50 15.08
C TYR B 310 -1.85 10.99 14.80
N GLN B 311 -1.56 11.83 15.80
CA GLN B 311 -1.63 13.27 15.63
C GLN B 311 -0.41 13.84 14.91
N ARG B 312 0.54 12.99 14.52
CA ARG B 312 1.73 13.41 13.78
C ARG B 312 2.52 14.47 14.54
N LYS B 313 2.70 14.26 15.85
CA LYS B 313 3.38 15.23 16.70
C LYS B 313 4.77 14.75 17.12
N VAL B 314 5.38 13.84 16.35
CA VAL B 314 6.68 13.28 16.67
C VAL B 314 7.65 13.68 15.56
N GLU B 315 8.81 14.19 15.95
CA GLU B 315 9.83 14.56 14.97
C GLU B 315 10.32 13.32 14.24
N ALA B 316 10.16 13.31 12.92
CA ALA B 316 10.55 12.16 12.13
C ALA B 316 12.07 11.96 12.19
N PRO B 317 12.52 10.71 12.16
CA PRO B 317 13.98 10.47 12.17
C PRO B 317 14.64 10.76 10.84
N PHE B 318 13.94 10.57 9.73
CA PHE B 318 14.48 10.84 8.40
C PHE B 318 13.48 11.71 7.64
N ILE B 319 13.98 12.78 7.03
CA ILE B 319 13.16 13.70 6.26
C ILE B 319 13.79 13.85 4.88
N PRO B 320 13.12 13.41 3.81
CA PRO B 320 13.73 13.47 2.48
C PRO B 320 13.94 14.90 2.01
N LYS B 321 14.78 15.04 0.99
CA LYS B 321 15.12 16.35 0.44
C LYS B 321 14.06 16.79 -0.56
N PHE B 322 13.55 18.00 -0.38
CA PHE B 322 12.54 18.57 -1.26
C PHE B 322 13.15 19.80 -1.95
N LYS B 323 13.54 19.63 -3.21
CA LYS B 323 14.11 20.71 -3.99
C LYS B 323 13.06 21.67 -4.55
N GLY B 324 11.83 21.63 -4.02
CA GLY B 324 10.78 22.51 -4.48
C GLY B 324 9.55 21.74 -4.93
N PRO B 325 8.51 22.45 -5.34
CA PRO B 325 7.30 21.78 -5.82
C PRO B 325 7.56 21.06 -7.14
N GLY B 326 6.89 19.92 -7.31
CA GLY B 326 7.06 19.12 -8.50
C GLY B 326 8.43 18.48 -8.65
N ASP B 327 9.24 18.49 -7.61
CA ASP B 327 10.57 17.89 -7.69
C ASP B 327 10.46 16.36 -7.72
N THR B 328 11.08 15.74 -8.72
CA THR B 328 11.03 14.30 -8.91
C THR B 328 12.34 13.61 -8.50
N SER B 329 13.15 14.26 -7.68
CA SER B 329 14.47 13.73 -7.37
C SER B 329 14.37 12.39 -6.65
N ASN B 330 13.46 12.28 -5.69
CA ASN B 330 13.29 11.08 -4.88
C ASN B 330 12.69 9.90 -5.63
N PHE B 331 12.50 9.98 -6.94
CA PHE B 331 11.96 8.87 -7.72
C PHE B 331 12.96 8.44 -8.78
N ASP B 332 12.86 7.18 -9.19
CA ASP B 332 13.70 6.66 -10.24
C ASP B 332 13.27 7.22 -11.59
N ASP B 333 14.15 7.06 -12.58
CA ASP B 333 13.88 7.50 -13.93
C ASP B 333 13.33 6.33 -14.74
N TYR B 334 12.16 6.51 -15.33
CA TYR B 334 11.55 5.50 -16.18
C TYR B 334 11.53 5.99 -17.63
N GLU B 335 11.47 5.03 -18.55
CA GLU B 335 11.33 5.36 -19.96
C GLU B 335 10.02 6.10 -20.17
N GLU B 336 10.10 7.36 -20.58
CA GLU B 336 8.90 8.16 -20.77
C GLU B 336 8.16 7.73 -22.01
N GLU B 337 6.84 7.56 -21.89
CA GLU B 337 5.98 7.19 -23.00
C GLU B 337 4.77 8.11 -23.02
N GLU B 338 4.44 8.65 -24.19
CA GLU B 338 3.31 9.55 -24.31
C GLU B 338 2.00 8.81 -24.09
N ILE B 339 1.03 9.49 -23.50
CA ILE B 339 -0.29 8.91 -23.28
C ILE B 339 -1.10 9.04 -24.55
N ARG B 340 -1.70 7.92 -24.99
CA ARG B 340 -2.44 7.89 -26.24
C ARG B 340 -3.73 7.11 -26.07
N VAL B 341 -4.83 7.68 -26.53
CA VAL B 341 -6.13 7.05 -26.42
C VAL B 341 -6.65 6.69 -27.81
N SEP B 342 -7.20 5.50 -27.95
CA SEP B 342 -7.82 5.10 -29.21
CB SEP B 342 -8.20 3.63 -29.19
OG SEP B 342 -8.99 3.31 -30.32
C SEP B 342 -9.05 5.96 -29.50
O SEP B 342 -9.65 6.53 -28.59
P SEP B 342 -8.27 2.16 -31.18
O1P SEP B 342 -7.99 0.90 -30.22
O2P SEP B 342 -6.89 2.72 -31.78
O3P SEP B 342 -9.24 1.69 -32.38
N ILE B 343 -9.43 6.05 -30.76
CA ILE B 343 -10.60 6.83 -31.15
C ILE B 343 -11.86 5.99 -31.05
N ASN B 344 -11.73 4.77 -30.55
CA ASN B 344 -12.85 3.87 -30.32
C ASN B 344 -12.94 3.57 -28.83
N GLU B 345 -14.11 3.80 -28.24
CA GLU B 345 -14.33 3.49 -26.84
C GLU B 345 -14.37 1.98 -26.64
N LYS B 346 -13.55 1.49 -25.73
CA LYS B 346 -13.47 0.07 -25.42
C LYS B 346 -14.02 -0.19 -24.03
N CYS B 347 -14.84 -1.25 -23.90
CA CYS B 347 -15.34 -1.71 -22.60
C CYS B 347 -16.10 -0.61 -21.87
N GLY B 348 -16.99 0.07 -22.59
CA GLY B 348 -17.76 1.13 -21.97
C GLY B 348 -18.74 0.64 -20.92
N LYS B 349 -19.40 -0.49 -21.20
CA LYS B 349 -20.41 -1.01 -20.29
C LYS B 349 -19.80 -1.62 -19.04
N GLU B 350 -18.56 -2.07 -19.09
CA GLU B 350 -17.95 -2.74 -17.94
C GLU B 350 -17.56 -1.75 -16.85
N PHE B 351 -17.29 -0.50 -17.19
CA PHE B 351 -16.82 0.50 -16.24
C PHE B 351 -17.84 1.62 -16.04
N THR B 352 -19.12 1.25 -15.93
CA THR B 352 -20.14 2.26 -15.69
C THR B 352 -19.99 2.89 -14.32
N GLU B 353 -19.79 2.07 -13.29
CA GLU B 353 -19.73 2.53 -11.90
C GLU B 353 -18.41 3.20 -11.55
N PHE B 354 -17.49 3.37 -12.50
CA PHE B 354 -16.26 4.10 -12.25
C PHE B 354 -16.46 5.60 -12.44
PG ANP C . 1.91 -2.77 -8.16
O1G ANP C . 2.22 -2.52 -6.72
O2G ANP C . 0.40 -3.24 -8.28
O3G ANP C . 2.87 -3.89 -8.73
PB ANP C . 0.68 -0.61 -9.35
O1B ANP C . -0.36 -1.07 -8.39
O2B ANP C . 0.21 -0.90 -10.80
N3B ANP C . 2.14 -1.36 -9.05
PA ANP C . 1.19 1.51 -7.75
O1A ANP C . 0.16 2.49 -7.34
O2A ANP C . 1.34 0.30 -6.84
O3A ANP C . 0.89 0.93 -9.19
O5' ANP C . 2.59 2.23 -7.85
C5' ANP C . 2.97 3.20 -8.84
C4' ANP C . 4.19 3.90 -8.29
O4' ANP C . 4.08 5.32 -8.50
C3' ANP C . 4.40 3.72 -6.79
O3' ANP C . 5.20 2.57 -6.50
C2' ANP C . 5.10 5.02 -6.39
O2' ANP C . 6.49 4.94 -6.66
C1' ANP C . 4.44 6.03 -7.33
N9 ANP C . 3.24 6.66 -6.79
C8 ANP C . 1.98 6.13 -6.74
N7 ANP C . 1.09 6.93 -6.20
C5 ANP C . 1.82 8.07 -5.89
C6 ANP C . 1.46 9.30 -5.30
N6 ANP C . 0.23 9.59 -4.90
N1 ANP C . 2.43 10.22 -5.13
C2 ANP C . 3.67 9.92 -5.53
N3 ANP C . 4.13 8.81 -6.10
C4 ANP C . 3.15 7.91 -6.25
MG MG D . -1.14 -2.55 -7.08
MG MG E . 2.80 -0.75 -6.04
#